data_7KGS
#
_entry.id   7KGS
#
_cell.length_a   60.028
_cell.length_b   78.903
_cell.length_c   110.604
_cell.angle_alpha   90.000
_cell.angle_beta   90.000
_cell.angle_gamma   90.000
#
_symmetry.space_group_name_H-M   'P 21 21 21'
#
loop_
_entity.id
_entity.type
_entity.pdbx_description
1 polymer 'MHC class I antigen'
2 polymer Beta-2-microglobulin
3 polymer Nucleoprotein
4 non-polymer 'CADMIUM ION'
5 non-polymer 'ACETATE ION'
6 water water
#
loop_
_entity_poly.entity_id
_entity_poly.type
_entity_poly.pdbx_seq_one_letter_code
_entity_poly.pdbx_strand_id
1 'polypeptide(L)'
;GSHSMRYFFTSVSRPGRGEPRFIAVGYVDDTQFVRFDSDAASQRMEPRAPWIEQEGPEYWDGETRKVKAHSQTHRVDLGT
LRGYYNQSEAGSHTVQRMYGCDVGSDWRFLRGYHQYAYDGKDYIALKEDLRSWTAADMAAQTTKHKWEAAHVAEQLRAYL
EGTCVEWLRRYLENGKETLQRTDAPKTHMTHHAVSDHEATLRCWALSFYPAEITLTWQRDGEDQTQDTELVETRPAGDGT
FQKWVAVVVPSGQEQRYTCHVQHEGLPKPLTLRWEPSS
;
A
2 'polypeptide(L)'
;IQRTPKIQVYSRHPAENGKSNFLNCYVSGFHPSDIEVDLLKNGERIEKVEHSDLSFSKDWSFYLLYYTEFTPTEKDEYAC
RVNHVTLSQPKIVKWDRDM
;
B
3 'polypeptide(L)' ALNTPKDHI C
#
loop_
_chem_comp.id
_chem_comp.type
_chem_comp.name
_chem_comp.formula
ACT non-polymer 'ACETATE ION' 'C2 H3 O2 -1'
CD non-polymer 'CADMIUM ION' 'Cd 2'
#
# COMPACT_ATOMS: atom_id res chain seq x y z
N GLY A 1 -0.53 9.16 -19.06
CA GLY A 1 -0.36 7.72 -18.95
C GLY A 1 -1.65 7.02 -18.57
N SER A 2 -1.53 5.76 -18.09
CA SER A 2 -2.67 4.94 -17.68
C SER A 2 -3.06 5.31 -16.26
N HIS A 3 -4.34 5.09 -15.88
CA HIS A 3 -4.78 5.51 -14.54
C HIS A 3 -5.75 4.52 -13.95
N SER A 4 -5.97 4.61 -12.64
CA SER A 4 -6.91 3.68 -11.99
C SER A 4 -7.58 4.33 -10.80
N MET A 5 -8.76 3.81 -10.43
CA MET A 5 -9.44 4.22 -9.18
C MET A 5 -9.71 2.92 -8.46
N ARG A 6 -9.34 2.84 -7.19
CA ARG A 6 -9.50 1.59 -6.42
C ARG A 6 -9.99 1.91 -5.03
N TYR A 7 -10.88 1.07 -4.53
CA TYR A 7 -11.35 1.16 -3.14
C TYR A 7 -10.98 -0.13 -2.46
N PHE A 8 -10.49 -0.02 -1.23
CA PHE A 8 -10.04 -1.15 -0.39
C PHE A 8 -10.84 -1.11 0.92
N PHE A 9 -11.33 -2.26 1.37
CA PHE A 9 -12.13 -2.34 2.60
C PHE A 9 -11.67 -3.53 3.42
N THR A 10 -11.50 -3.33 4.72
CA THR A 10 -11.13 -4.44 5.61
C THR A 10 -12.06 -4.38 6.81
N SER A 11 -12.67 -5.53 7.18
CA SER A 11 -13.42 -5.64 8.44
C SER A 11 -12.82 -6.76 9.24
N VAL A 12 -12.62 -6.55 10.55
CA VAL A 12 -12.03 -7.55 11.43
C VAL A 12 -13.01 -7.75 12.58
N SER A 13 -13.49 -9.00 12.74
CA SER A 13 -14.47 -9.21 13.81
C SER A 13 -13.85 -9.11 15.20
N ARG A 14 -14.70 -8.72 16.15
CA ARG A 14 -14.27 -8.52 17.54
C ARG A 14 -15.18 -9.39 18.39
N PRO A 15 -14.84 -10.69 18.52
CA PRO A 15 -15.74 -11.64 19.21
C PRO A 15 -16.06 -11.33 20.67
N GLY A 16 -15.15 -10.69 21.38
CA GLY A 16 -15.33 -10.37 22.80
C GLY A 16 -16.41 -9.33 23.06
N ARG A 17 -16.48 -8.28 22.19
CA ARG A 17 -17.48 -7.24 22.36
C ARG A 17 -17.58 -6.37 21.13
N GLY A 18 -18.81 -6.10 20.72
CA GLY A 18 -19.06 -5.10 19.69
C GLY A 18 -18.96 -5.54 18.25
N GLU A 19 -19.01 -4.54 17.38
N GLU A 19 -19.12 -4.58 17.36
CA GLU A 19 -19.03 -4.67 15.93
CA GLU A 19 -19.12 -4.90 15.94
C GLU A 19 -17.64 -4.80 15.35
C GLU A 19 -17.68 -4.86 15.36
N PRO A 20 -17.48 -5.29 14.09
CA PRO A 20 -16.13 -5.35 13.54
C PRO A 20 -15.46 -3.99 13.39
N ARG A 21 -14.13 -4.00 13.42
CA ARG A 21 -13.34 -2.81 13.11
C ARG A 21 -13.45 -2.73 11.58
N PHE A 22 -13.80 -1.57 11.03
CA PHE A 22 -13.92 -1.41 9.58
C PHE A 22 -13.09 -0.23 9.10
N ILE A 23 -12.24 -0.47 8.09
CA ILE A 23 -11.40 0.59 7.50
C ILE A 23 -11.55 0.55 6.01
N ALA A 24 -11.89 1.70 5.43
CA ALA A 24 -12.03 1.84 3.97
C ALA A 24 -11.13 2.92 3.48
N VAL A 25 -10.47 2.69 2.31
CA VAL A 25 -9.60 3.72 1.75
C VAL A 25 -9.83 3.77 0.25
N GLY A 26 -9.81 4.97 -0.33
CA GLY A 26 -9.94 5.08 -1.78
C GLY A 26 -8.69 5.70 -2.36
N TYR A 27 -8.29 5.20 -3.55
CA TYR A 27 -7.09 5.71 -4.23
C TYR A 27 -7.38 6.08 -5.64
N VAL A 28 -6.71 7.13 -6.13
CA VAL A 28 -6.64 7.37 -7.57
C VAL A 28 -5.14 7.10 -7.85
N ASP A 29 -4.84 6.10 -8.71
CA ASP A 29 -3.43 5.69 -8.94
C ASP A 29 -2.83 5.38 -7.55
N ASP A 30 -1.68 6.00 -7.18
CA ASP A 30 -1.06 5.74 -5.86
C ASP A 30 -1.36 6.82 -4.83
N THR A 31 -2.42 7.61 -5.06
CA THR A 31 -2.79 8.70 -4.14
C THR A 31 -4.05 8.36 -3.36
N GLN A 32 -3.92 8.26 -2.03
CA GLN A 32 -5.10 8.06 -1.18
C GLN A 32 -5.92 9.36 -1.19
N PHE A 33 -7.24 9.26 -1.41
CA PHE A 33 -8.01 10.51 -1.46
C PHE A 33 -9.18 10.54 -0.48
N VAL A 34 -9.63 9.36 0.02
CA VAL A 34 -10.72 9.31 0.99
C VAL A 34 -10.43 8.18 1.98
N ARG A 35 -11.03 8.26 3.15
CA ARG A 35 -10.94 7.20 4.15
C ARG A 35 -12.15 7.17 5.02
N PHE A 36 -12.41 6.00 5.61
CA PHE A 36 -13.42 5.84 6.66
C PHE A 36 -12.84 4.88 7.66
N ASP A 37 -12.88 5.24 8.95
CA ASP A 37 -12.43 4.31 9.95
C ASP A 37 -13.56 4.28 10.99
N SER A 38 -14.13 3.08 11.24
CA SER A 38 -15.21 2.93 12.22
C SER A 38 -14.78 3.39 13.63
N ASP A 39 -13.48 3.36 13.96
CA ASP A 39 -12.99 3.81 15.28
C ASP A 39 -12.83 5.35 15.36
N ALA A 40 -12.90 6.08 14.24
CA ALA A 40 -12.70 7.55 14.27
C ALA A 40 -14.00 8.26 14.73
N ALA A 41 -13.86 9.50 15.23
CA ALA A 41 -14.97 10.28 15.75
C ALA A 41 -16.02 10.74 14.75
N SER A 42 -15.62 11.17 13.55
CA SER A 42 -16.55 11.76 12.62
C SER A 42 -17.66 10.85 12.18
N GLN A 43 -17.36 9.53 12.00
CA GLN A 43 -18.32 8.59 11.41
C GLN A 43 -18.75 9.08 10.02
N ARG A 44 -17.80 9.74 9.30
CA ARG A 44 -18.06 10.19 7.96
C ARG A 44 -16.90 9.75 7.05
N MET A 45 -17.17 9.67 5.75
CA MET A 45 -16.08 9.55 4.79
C MET A 45 -15.31 10.90 4.88
N GLU A 46 -13.97 10.81 5.01
CA GLU A 46 -13.13 12.00 5.17
C GLU A 46 -12.18 12.21 3.99
N PRO A 47 -11.96 13.47 3.60
CA PRO A 47 -11.01 13.75 2.50
C PRO A 47 -9.55 13.57 2.94
N ARG A 48 -8.71 13.13 1.98
CA ARG A 48 -7.29 12.90 2.23
C ARG A 48 -6.42 13.52 1.14
N ALA A 49 -7.06 14.22 0.17
CA ALA A 49 -6.34 14.96 -0.88
C ALA A 49 -7.06 16.29 -1.09
N PRO A 50 -6.32 17.36 -1.44
CA PRO A 50 -6.98 18.67 -1.58
C PRO A 50 -8.05 18.76 -2.64
N TRP A 51 -7.83 18.06 -3.76
CA TRP A 51 -8.73 18.11 -4.91
C TRP A 51 -10.10 17.45 -4.66
N ILE A 52 -10.21 16.61 -3.63
CA ILE A 52 -11.51 16.00 -3.32
C ILE A 52 -12.37 16.93 -2.45
N GLU A 53 -11.72 17.85 -1.72
CA GLU A 53 -12.45 18.83 -0.88
C GLU A 53 -13.27 19.81 -1.77
N GLN A 54 -13.02 19.83 -3.09
CA GLN A 54 -13.79 20.62 -4.06
C GLN A 54 -15.26 20.10 -4.08
N GLU A 55 -15.48 18.80 -3.73
CA GLU A 55 -16.82 18.19 -3.76
C GLU A 55 -17.75 18.73 -2.69
N GLY A 56 -19.00 18.93 -3.09
CA GLY A 56 -20.07 19.49 -2.26
C GLY A 56 -20.62 18.57 -1.16
N PRO A 57 -21.54 19.12 -0.32
CA PRO A 57 -22.11 18.31 0.78
CA PRO A 57 -22.09 18.30 0.78
C PRO A 57 -22.89 17.08 0.35
N GLU A 58 -23.56 17.11 -0.83
CA GLU A 58 -24.33 15.95 -1.29
C GLU A 58 -23.34 14.79 -1.56
N TYR A 59 -22.15 15.13 -2.10
CA TYR A 59 -21.11 14.12 -2.36
C TYR A 59 -20.71 13.47 -1.04
N TRP A 60 -20.33 14.28 -0.05
CA TRP A 60 -19.87 13.76 1.24
C TRP A 60 -20.95 12.97 2.00
N ASP A 61 -22.21 13.40 1.90
CA ASP A 61 -23.31 12.69 2.53
CA ASP A 61 -23.28 12.67 2.58
C ASP A 61 -23.51 11.32 1.87
N GLY A 62 -23.49 11.33 0.55
CA GLY A 62 -23.67 10.13 -0.26
C GLY A 62 -22.54 9.14 -0.03
N GLU A 63 -21.28 9.63 0.02
CA GLU A 63 -20.15 8.69 0.27
C GLU A 63 -20.21 8.12 1.67
N THR A 64 -20.65 8.92 2.66
CA THR A 64 -20.73 8.43 4.03
C THR A 64 -21.83 7.35 4.10
N ARG A 65 -23.02 7.59 3.50
CA ARG A 65 -24.09 6.59 3.54
CA ARG A 65 -24.10 6.60 3.53
C ARG A 65 -23.61 5.29 2.88
N LYS A 66 -23.00 5.39 1.69
CA LYS A 66 -22.50 4.20 0.98
C LYS A 66 -21.39 3.49 1.75
N VAL A 67 -20.43 4.23 2.35
CA VAL A 67 -19.34 3.54 3.05
C VAL A 67 -19.83 2.81 4.33
N LYS A 68 -20.82 3.40 5.03
CA LYS A 68 -21.39 2.76 6.21
C LYS A 68 -22.17 1.51 5.75
N ALA A 69 -22.84 1.57 4.58
CA ALA A 69 -23.55 0.41 4.01
C ALA A 69 -22.53 -0.69 3.69
N HIS A 70 -21.32 -0.33 3.17
CA HIS A 70 -20.28 -1.36 2.92
C HIS A 70 -19.89 -2.06 4.25
N SER A 71 -19.76 -1.26 5.34
CA SER A 71 -19.41 -1.80 6.66
CA SER A 71 -19.40 -1.83 6.64
C SER A 71 -20.45 -2.82 7.12
N GLN A 72 -21.75 -2.49 6.92
CA GLN A 72 -22.80 -3.42 7.34
C GLN A 72 -22.80 -4.68 6.49
N THR A 73 -22.53 -4.57 5.17
CA THR A 73 -22.40 -5.76 4.32
C THR A 73 -21.27 -6.67 4.83
N HIS A 74 -20.11 -6.07 5.19
CA HIS A 74 -19.02 -6.88 5.74
C HIS A 74 -19.39 -7.51 7.07
N ARG A 75 -20.15 -6.75 7.92
CA ARG A 75 -20.58 -7.32 9.19
C ARG A 75 -21.47 -8.58 8.95
N VAL A 76 -22.44 -8.49 8.05
CA VAL A 76 -23.30 -9.65 7.74
C VAL A 76 -22.42 -10.79 7.16
N ASP A 77 -21.52 -10.44 6.19
CA ASP A 77 -20.60 -11.42 5.55
C ASP A 77 -19.82 -12.21 6.60
N LEU A 78 -19.23 -11.54 7.60
CA LEU A 78 -18.49 -12.21 8.66
C LEU A 78 -19.34 -13.28 9.36
N GLY A 79 -20.58 -12.94 9.67
CA GLY A 79 -21.50 -13.91 10.30
C GLY A 79 -21.78 -15.10 9.39
N THR A 80 -22.08 -14.81 8.11
CA THR A 80 -22.38 -15.86 7.14
C THR A 80 -21.18 -16.80 6.98
N LEU A 81 -19.98 -16.22 6.81
CA LEU A 81 -18.74 -16.98 6.58
C LEU A 81 -18.34 -17.87 7.75
N ARG A 82 -18.60 -17.39 8.97
CA ARG A 82 -18.32 -18.16 10.20
C ARG A 82 -19.15 -19.45 10.15
N GLY A 83 -20.40 -19.33 9.71
CA GLY A 83 -21.31 -20.48 9.55
C GLY A 83 -20.88 -21.39 8.42
N TYR A 84 -20.54 -20.82 7.23
CA TYR A 84 -20.05 -21.63 6.09
C TYR A 84 -18.83 -22.49 6.43
N TYR A 85 -17.89 -21.95 7.22
CA TYR A 85 -16.66 -22.66 7.58
C TYR A 85 -16.75 -23.40 8.93
N ASN A 86 -17.96 -23.45 9.53
CA ASN A 86 -18.25 -24.09 10.83
C ASN A 86 -17.22 -23.67 11.88
N GLN A 87 -17.05 -22.36 12.02
CA GLN A 87 -16.08 -21.81 12.96
C GLN A 87 -16.75 -21.33 14.23
N SER A 88 -15.95 -21.30 15.29
CA SER A 88 -16.36 -20.85 16.63
C SER A 88 -16.77 -19.38 16.61
N GLU A 89 -17.66 -18.99 17.53
CA GLU A 89 -18.03 -17.58 17.68
C GLU A 89 -16.90 -16.84 18.45
N ALA A 90 -15.91 -17.57 19.00
CA ALA A 90 -14.83 -17.00 19.82
C ALA A 90 -13.64 -16.40 19.05
N GLY A 91 -13.43 -16.75 17.79
CA GLY A 91 -12.23 -16.23 17.13
C GLY A 91 -12.48 -14.98 16.30
N SER A 92 -11.41 -14.24 16.03
CA SER A 92 -11.51 -13.04 15.16
C SER A 92 -11.22 -13.50 13.73
N HIS A 93 -11.98 -12.97 12.79
CA HIS A 93 -11.84 -13.28 11.36
C HIS A 93 -11.83 -11.99 10.57
N THR A 94 -11.34 -12.08 9.33
CA THR A 94 -11.20 -10.90 8.49
C THR A 94 -11.84 -11.08 7.13
N VAL A 95 -12.53 -10.04 6.68
N VAL A 95 -12.54 -10.03 6.65
CA VAL A 95 -13.03 -9.96 5.33
CA VAL A 95 -13.11 -9.96 5.31
C VAL A 95 -12.29 -8.80 4.68
C VAL A 95 -12.48 -8.75 4.62
N GLN A 96 -11.89 -8.97 3.42
CA GLN A 96 -11.26 -7.88 2.65
C GLN A 96 -11.95 -7.80 1.33
N ARG A 97 -12.09 -6.58 0.81
CA ARG A 97 -12.73 -6.41 -0.50
C ARG A 97 -12.03 -5.31 -1.24
N MET A 98 -11.82 -5.49 -2.53
CA MET A 98 -11.22 -4.43 -3.31
C MET A 98 -11.97 -4.38 -4.63
N TYR A 99 -12.22 -3.17 -5.15
CA TYR A 99 -12.80 -3.06 -6.50
C TYR A 99 -12.34 -1.76 -7.14
N GLY A 100 -12.44 -1.71 -8.45
CA GLY A 100 -12.08 -0.50 -9.15
C GLY A 100 -11.90 -0.68 -10.63
N CYS A 101 -11.41 0.37 -11.29
CA CYS A 101 -11.31 0.39 -12.74
C CYS A 101 -9.98 0.96 -13.19
N ASP A 102 -9.52 0.50 -14.36
CA ASP A 102 -8.31 1.03 -15.00
C ASP A 102 -8.75 1.68 -16.29
N VAL A 103 -8.06 2.75 -16.66
CA VAL A 103 -8.24 3.42 -17.95
C VAL A 103 -6.88 3.55 -18.61
N GLY A 104 -6.88 3.61 -19.95
CA GLY A 104 -5.65 3.81 -20.70
C GLY A 104 -5.23 5.27 -20.80
N SER A 105 -4.19 5.54 -21.63
CA SER A 105 -3.67 6.89 -21.86
C SER A 105 -4.70 7.86 -22.42
N ASP A 106 -5.73 7.32 -23.09
CA ASP A 106 -6.86 8.05 -23.66
C ASP A 106 -8.03 8.21 -22.66
N TRP A 107 -7.86 7.70 -21.40
CA TRP A 107 -8.86 7.74 -20.31
C TRP A 107 -10.11 6.91 -20.59
N ARG A 108 -10.02 5.96 -21.52
CA ARG A 108 -11.12 5.06 -21.82
C ARG A 108 -10.93 3.76 -21.01
N PHE A 109 -12.05 3.11 -20.66
CA PHE A 109 -12.05 1.88 -19.87
C PHE A 109 -11.17 0.80 -20.45
N LEU A 110 -10.34 0.19 -19.60
CA LEU A 110 -9.48 -0.91 -19.98
C LEU A 110 -9.87 -2.20 -19.27
N ARG A 111 -10.10 -2.14 -17.93
CA ARG A 111 -10.29 -3.35 -17.13
C ARG A 111 -11.03 -2.95 -15.87
N GLY A 112 -11.78 -3.87 -15.30
CA GLY A 112 -12.49 -3.66 -14.05
C GLY A 112 -12.23 -4.86 -13.15
N TYR A 113 -12.39 -4.68 -11.84
CA TYR A 113 -12.19 -5.78 -10.90
C TYR A 113 -13.03 -5.61 -9.64
N HIS A 114 -13.39 -6.73 -8.99
CA HIS A 114 -14.18 -6.74 -7.74
C HIS A 114 -13.91 -8.08 -7.11
N GLN A 115 -13.16 -8.06 -6.00
CA GLN A 115 -12.64 -9.28 -5.37
C GLN A 115 -12.86 -9.27 -3.88
N TYR A 116 -13.06 -10.47 -3.29
CA TYR A 116 -13.25 -10.65 -1.86
C TYR A 116 -12.28 -11.71 -1.34
N ALA A 117 -11.79 -11.52 -0.11
CA ALA A 117 -10.99 -12.54 0.57
C ALA A 117 -11.56 -12.77 1.97
N TYR A 118 -11.43 -13.99 2.47
CA TYR A 118 -11.79 -14.31 3.84
C TYR A 118 -10.56 -14.93 4.50
N ASP A 119 -10.18 -14.38 5.67
CA ASP A 119 -8.99 -14.78 6.42
C ASP A 119 -7.72 -14.81 5.55
N GLY A 120 -7.59 -13.81 4.68
CA GLY A 120 -6.41 -13.59 3.85
C GLY A 120 -6.26 -14.48 2.64
N LYS A 121 -7.33 -15.20 2.29
CA LYS A 121 -7.29 -16.10 1.12
C LYS A 121 -8.41 -15.70 0.18
N ASP A 122 -8.18 -15.85 -1.13
CA ASP A 122 -9.23 -15.59 -2.11
C ASP A 122 -10.51 -16.32 -1.75
N TYR A 123 -11.65 -15.62 -1.85
CA TYR A 123 -12.94 -16.22 -1.61
C TYR A 123 -13.69 -16.24 -2.94
N ILE A 124 -14.09 -15.04 -3.41
CA ILE A 124 -14.81 -14.96 -4.69
C ILE A 124 -14.36 -13.71 -5.43
N ALA A 125 -14.25 -13.78 -6.76
CA ALA A 125 -13.82 -12.63 -7.54
C ALA A 125 -14.58 -12.55 -8.84
N LEU A 126 -14.84 -11.32 -9.31
CA LEU A 126 -15.44 -11.18 -10.63
C LEU A 126 -14.36 -11.48 -11.65
N LYS A 127 -14.70 -12.22 -12.73
CA LYS A 127 -13.71 -12.50 -13.76
C LYS A 127 -13.49 -11.25 -14.64
N GLU A 128 -12.44 -11.25 -15.47
CA GLU A 128 -12.08 -10.11 -16.33
C GLU A 128 -13.20 -9.74 -17.32
N ASP A 129 -14.07 -10.71 -17.62
CA ASP A 129 -15.22 -10.48 -18.51
C ASP A 129 -16.32 -9.62 -17.86
N LEU A 130 -16.27 -9.46 -16.51
CA LEU A 130 -17.26 -8.74 -15.69
C LEU A 130 -18.65 -9.37 -15.79
N ARG A 131 -18.68 -10.70 -16.08
CA ARG A 131 -19.92 -11.44 -16.23
C ARG A 131 -19.97 -12.65 -15.33
N SER A 132 -18.81 -13.26 -15.14
CA SER A 132 -18.65 -14.53 -14.44
C SER A 132 -17.91 -14.38 -13.11
N TRP A 133 -17.98 -15.45 -12.29
CA TRP A 133 -17.36 -15.45 -10.95
C TRP A 133 -16.34 -16.56 -10.81
N THR A 134 -15.24 -16.26 -10.12
CA THR A 134 -14.23 -17.26 -9.76
C THR A 134 -14.46 -17.55 -8.25
N ALA A 135 -14.95 -18.76 -7.91
CA ALA A 135 -15.18 -19.16 -6.51
C ALA A 135 -14.00 -20.06 -6.16
N ALA A 136 -13.27 -19.75 -5.07
CA ALA A 136 -12.08 -20.54 -4.71
C ALA A 136 -12.37 -21.91 -4.09
N ASP A 137 -13.51 -22.05 -3.44
CA ASP A 137 -13.92 -23.27 -2.74
C ASP A 137 -15.40 -23.49 -2.74
N MET A 138 -15.87 -24.53 -2.04
CA MET A 138 -17.31 -24.83 -2.09
C MET A 138 -18.20 -23.84 -1.33
N ALA A 139 -17.67 -23.14 -0.31
CA ALA A 139 -18.46 -22.12 0.39
C ALA A 139 -18.69 -21.00 -0.64
N ALA A 140 -17.61 -20.58 -1.34
CA ALA A 140 -17.71 -19.52 -2.35
C ALA A 140 -18.61 -19.94 -3.51
N GLN A 141 -18.65 -21.27 -3.83
CA GLN A 141 -19.52 -21.78 -4.89
C GLN A 141 -20.99 -21.50 -4.56
N THR A 142 -21.37 -21.62 -3.27
CA THR A 142 -22.74 -21.29 -2.79
C THR A 142 -22.99 -19.78 -3.04
N THR A 143 -22.01 -18.91 -2.70
CA THR A 143 -22.18 -17.47 -2.93
C THR A 143 -22.34 -17.21 -4.44
N LYS A 144 -21.50 -17.86 -5.26
CA LYS A 144 -21.53 -17.71 -6.71
C LYS A 144 -22.93 -18.01 -7.27
N HIS A 145 -23.54 -19.13 -6.86
CA HIS A 145 -24.88 -19.47 -7.35
C HIS A 145 -25.92 -18.43 -6.92
N LYS A 146 -25.84 -17.94 -5.68
CA LYS A 146 -26.74 -16.91 -5.17
C LYS A 146 -26.58 -15.61 -6.02
N TRP A 147 -25.33 -15.21 -6.29
CA TRP A 147 -25.11 -13.98 -7.04
C TRP A 147 -25.50 -14.10 -8.50
N GLU A 148 -25.34 -15.31 -9.09
CA GLU A 148 -25.74 -15.56 -10.48
C GLU A 148 -27.26 -15.43 -10.58
N ALA A 149 -28.01 -15.86 -9.54
CA ALA A 149 -29.48 -15.75 -9.54
C ALA A 149 -29.98 -14.31 -9.24
N ALA A 150 -29.15 -13.46 -8.63
CA ALA A 150 -29.53 -12.09 -8.24
C ALA A 150 -28.95 -10.97 -9.15
N HIS A 151 -28.40 -11.31 -10.35
CA HIS A 151 -27.91 -10.33 -11.33
C HIS A 151 -26.78 -9.44 -10.82
N VAL A 152 -26.03 -9.90 -9.80
CA VAL A 152 -25.00 -9.06 -9.16
C VAL A 152 -23.93 -8.56 -10.13
N ALA A 153 -23.33 -9.47 -10.94
CA ALA A 153 -22.27 -9.11 -11.87
C ALA A 153 -22.74 -8.00 -12.87
N GLU A 154 -24.02 -8.02 -13.27
CA GLU A 154 -24.51 -6.98 -14.19
C GLU A 154 -24.39 -5.58 -13.58
N GLN A 155 -24.82 -5.44 -12.32
CA GLN A 155 -24.75 -4.16 -11.63
C GLN A 155 -23.29 -3.78 -11.43
N LEU A 156 -22.42 -4.76 -11.06
CA LEU A 156 -21.00 -4.41 -10.88
C LEU A 156 -20.38 -3.96 -12.18
N ARG A 157 -20.67 -4.67 -13.29
CA ARG A 157 -20.16 -4.31 -14.59
C ARG A 157 -20.60 -2.90 -14.97
N ALA A 158 -21.87 -2.55 -14.73
CA ALA A 158 -22.35 -1.22 -15.06
C ALA A 158 -21.60 -0.14 -14.29
N TYR A 159 -21.28 -0.39 -12.99
CA TYR A 159 -20.52 0.56 -12.21
C TYR A 159 -19.08 0.65 -12.74
N LEU A 160 -18.42 -0.49 -12.93
CA LEU A 160 -16.99 -0.52 -13.29
C LEU A 160 -16.69 0.11 -14.63
N GLU A 161 -17.60 -0.09 -15.60
CA GLU A 161 -17.42 0.46 -16.95
C GLU A 161 -18.00 1.87 -17.10
N GLY A 162 -18.89 2.26 -16.21
CA GLY A 162 -19.57 3.54 -16.29
C GLY A 162 -19.15 4.51 -15.23
N THR A 163 -19.89 4.50 -14.12
CA THR A 163 -19.71 5.38 -12.98
C THR A 163 -18.24 5.47 -12.54
N CYS A 164 -17.59 4.30 -12.37
CA CYS A 164 -16.21 4.25 -11.90
C CYS A 164 -15.30 5.09 -12.81
N VAL A 165 -15.38 4.87 -14.14
CA VAL A 165 -14.56 5.57 -15.14
CA VAL A 165 -14.50 5.60 -15.05
C VAL A 165 -14.91 7.07 -15.15
N GLU A 166 -16.23 7.38 -15.09
CA GLU A 166 -16.68 8.79 -15.13
C GLU A 166 -16.15 9.60 -13.94
N TRP A 167 -16.20 9.02 -12.72
CA TRP A 167 -15.66 9.69 -11.55
C TRP A 167 -14.14 9.77 -11.60
N LEU A 168 -13.48 8.70 -12.09
CA LEU A 168 -12.02 8.73 -12.24
C LEU A 168 -11.61 9.91 -13.15
N ARG A 169 -12.29 10.08 -14.30
CA ARG A 169 -11.94 11.19 -15.21
CA ARG A 169 -12.00 11.19 -15.23
C ARG A 169 -12.18 12.55 -14.53
N ARG A 170 -13.26 12.68 -13.75
CA ARG A 170 -13.56 13.91 -13.01
C ARG A 170 -12.43 14.23 -12.03
N TYR A 171 -11.98 13.20 -11.27
CA TYR A 171 -10.93 13.43 -10.28
C TYR A 171 -9.59 13.78 -10.96
N LEU A 172 -9.30 13.12 -12.07
CA LEU A 172 -8.03 13.35 -12.82
C LEU A 172 -7.99 14.82 -13.28
N GLU A 173 -9.14 15.36 -13.68
CA GLU A 173 -9.26 16.77 -14.11
CA GLU A 173 -9.26 16.77 -14.11
C GLU A 173 -9.17 17.70 -12.91
N ASN A 174 -9.99 17.47 -11.87
CA ASN A 174 -9.98 18.31 -10.68
C ASN A 174 -8.65 18.35 -9.95
N GLY A 175 -7.98 17.21 -9.89
CA GLY A 175 -6.68 17.09 -9.23
C GLY A 175 -5.49 17.09 -10.16
N LYS A 176 -5.63 17.66 -11.38
CA LYS A 176 -4.57 17.64 -12.39
C LYS A 176 -3.20 18.06 -11.93
N GLU A 177 -3.13 19.09 -11.08
CA GLU A 177 -1.87 19.69 -10.59
C GLU A 177 -0.95 18.62 -9.98
N THR A 178 -1.53 17.62 -9.28
CA THR A 178 -0.76 16.53 -8.70
C THR A 178 -1.00 15.18 -9.39
N LEU A 179 -2.27 14.83 -9.70
CA LEU A 179 -2.59 13.52 -10.26
C LEU A 179 -2.01 13.27 -11.64
N GLN A 180 -1.87 14.34 -12.45
CA GLN A 180 -1.31 14.21 -13.78
C GLN A 180 0.16 14.65 -13.82
N ARG A 181 0.76 14.96 -12.67
CA ARG A 181 2.17 15.31 -12.58
C ARG A 181 2.93 14.02 -12.31
N THR A 182 4.01 13.78 -13.06
CA THR A 182 4.86 12.61 -12.80
C THR A 182 6.08 13.16 -12.09
N ASP A 183 6.53 12.50 -11.01
CA ASP A 183 7.70 12.92 -10.25
C ASP A 183 8.77 11.88 -10.55
N ALA A 184 9.71 12.25 -11.42
CA ALA A 184 10.80 11.34 -11.77
C ALA A 184 11.69 11.10 -10.54
N PRO A 185 12.22 9.87 -10.39
CA PRO A 185 13.08 9.61 -9.23
C PRO A 185 14.31 10.49 -9.18
N LYS A 186 14.62 10.99 -7.98
CA LYS A 186 15.86 11.70 -7.70
C LYS A 186 16.85 10.55 -7.37
N THR A 187 17.88 10.38 -8.21
CA THR A 187 18.79 9.23 -8.05
C THR A 187 20.19 9.65 -7.64
N HIS A 188 20.81 8.80 -6.83
CA HIS A 188 22.19 8.95 -6.44
C HIS A 188 22.74 7.59 -6.02
N MET A 189 24.05 7.50 -6.00
CA MET A 189 24.70 6.26 -5.58
CA MET A 189 24.77 6.28 -5.63
C MET A 189 25.56 6.51 -4.35
N THR A 190 25.50 5.57 -3.41
CA THR A 190 26.32 5.62 -2.18
C THR A 190 27.25 4.40 -2.20
N HIS A 191 28.34 4.49 -1.43
CA HIS A 191 29.38 3.48 -1.40
C HIS A 191 29.65 3.18 0.05
N HIS A 192 29.64 1.89 0.45
CA HIS A 192 29.83 1.50 1.85
C HIS A 192 30.83 0.36 1.93
N ALA A 193 32.05 0.61 2.40
CA ALA A 193 33.00 -0.51 2.54
C ALA A 193 32.42 -1.65 3.41
N VAL A 194 32.62 -2.92 3.00
CA VAL A 194 32.10 -4.09 3.76
C VAL A 194 33.22 -4.89 4.38
N SER A 195 34.47 -4.61 3.94
CA SER A 195 35.75 -5.23 4.31
C SER A 195 36.86 -4.37 3.72
N ASP A 196 38.13 -4.75 3.86
CA ASP A 196 39.19 -3.96 3.24
C ASP A 196 39.31 -4.32 1.73
N HIS A 197 38.60 -5.38 1.26
CA HIS A 197 38.63 -5.89 -0.15
C HIS A 197 37.33 -5.61 -0.93
N GLU A 198 36.20 -5.37 -0.26
CA GLU A 198 34.93 -5.22 -1.00
C GLU A 198 34.12 -4.06 -0.49
N ALA A 199 33.09 -3.67 -1.27
CA ALA A 199 32.21 -2.58 -0.85
C ALA A 199 30.82 -2.79 -1.42
N THR A 200 29.82 -2.22 -0.76
CA THR A 200 28.47 -2.23 -1.30
C THR A 200 28.27 -0.92 -2.06
N LEU A 201 27.71 -0.99 -3.30
CA LEU A 201 27.29 0.19 -4.02
C LEU A 201 25.76 0.17 -3.88
N ARG A 202 25.15 1.28 -3.47
CA ARG A 202 23.69 1.33 -3.31
C ARG A 202 23.14 2.42 -4.18
N CYS A 203 22.23 2.04 -5.09
CA CYS A 203 21.60 2.93 -6.05
C CYS A 203 20.25 3.33 -5.48
N TRP A 204 20.06 4.62 -5.25
CA TRP A 204 18.84 5.13 -4.64
C TRP A 204 17.93 5.81 -5.64
N ALA A 205 16.60 5.65 -5.43
CA ALA A 205 15.57 6.33 -6.20
C ALA A 205 14.65 6.94 -5.15
N LEU A 206 14.59 8.26 -5.10
CA LEU A 206 13.81 8.94 -4.07
C LEU A 206 12.78 9.88 -4.66
N SER A 207 11.73 10.12 -3.83
CA SER A 207 10.74 11.15 -4.14
C SER A 207 10.03 10.97 -5.46
N PHE A 208 9.74 9.69 -5.85
CA PHE A 208 9.10 9.50 -7.12
C PHE A 208 7.61 9.17 -7.02
N TYR A 209 6.91 9.38 -8.15
CA TYR A 209 5.48 9.13 -8.23
C TYR A 209 5.16 9.00 -9.71
N PRO A 210 4.39 7.99 -10.14
CA PRO A 210 3.78 6.90 -9.34
C PRO A 210 4.79 5.91 -8.79
N ALA A 211 4.31 4.95 -8.01
CA ALA A 211 5.19 4.00 -7.33
C ALA A 211 5.94 3.03 -8.25
N GLU A 212 5.35 2.70 -9.41
CA GLU A 212 5.96 1.75 -10.34
C GLU A 212 7.36 2.21 -10.76
N ILE A 213 8.37 1.35 -10.58
CA ILE A 213 9.74 1.66 -10.99
C ILE A 213 10.52 0.35 -11.17
N THR A 214 11.62 0.40 -11.95
CA THR A 214 12.53 -0.73 -12.07
C THR A 214 13.96 -0.22 -11.86
N LEU A 215 14.69 -0.89 -10.95
CA LEU A 215 16.11 -0.61 -10.70
C LEU A 215 16.83 -1.92 -11.01
N THR A 216 17.84 -1.86 -11.88
CA THR A 216 18.60 -3.08 -12.24
C THR A 216 20.06 -2.76 -12.25
N TRP A 217 20.88 -3.74 -11.89
CA TRP A 217 22.33 -3.57 -11.94
C TRP A 217 22.85 -4.32 -13.14
N GLN A 218 23.88 -3.78 -13.75
CA GLN A 218 24.63 -4.47 -14.81
C GLN A 218 26.10 -4.44 -14.45
N ARG A 219 26.84 -5.48 -14.87
N ARG A 219 26.84 -5.48 -14.87
CA ARG A 219 28.29 -5.52 -14.71
CA ARG A 219 28.29 -5.55 -14.70
C ARG A 219 28.82 -5.74 -16.11
C ARG A 219 28.82 -5.76 -16.10
N ASP A 220 29.66 -4.82 -16.58
CA ASP A 220 30.24 -4.84 -17.94
C ASP A 220 29.13 -5.00 -19.03
N GLY A 221 28.00 -4.31 -18.83
CA GLY A 221 26.89 -4.33 -19.78
C GLY A 221 25.94 -5.50 -19.75
N GLU A 222 26.07 -6.42 -18.78
CA GLU A 222 25.13 -7.53 -18.66
C GLU A 222 24.46 -7.51 -17.30
N ASP A 223 23.17 -7.89 -17.22
CA ASP A 223 22.40 -7.94 -15.97
C ASP A 223 23.08 -8.75 -14.89
N GLN A 224 23.04 -8.22 -13.67
CA GLN A 224 23.60 -8.85 -12.47
C GLN A 224 22.53 -8.94 -11.37
N THR A 225 22.30 -10.15 -10.85
CA THR A 225 21.40 -10.43 -9.71
C THR A 225 22.19 -11.08 -8.56
N GLN A 226 23.29 -11.80 -8.87
CA GLN A 226 24.14 -12.40 -7.81
C GLN A 226 24.72 -11.26 -6.96
N ASP A 227 24.70 -11.42 -5.63
CA ASP A 227 25.21 -10.44 -4.66
C ASP A 227 24.51 -9.09 -4.75
N THR A 228 23.23 -9.09 -5.19
CA THR A 228 22.40 -7.89 -5.20
C THR A 228 21.31 -8.01 -4.16
N GLU A 229 20.78 -6.85 -3.75
CA GLU A 229 19.67 -6.78 -2.81
C GLU A 229 18.76 -5.65 -3.32
N LEU A 230 17.44 -5.93 -3.44
CA LEU A 230 16.47 -4.93 -3.92
C LEU A 230 15.40 -4.85 -2.86
N VAL A 231 15.20 -3.67 -2.24
CA VAL A 231 14.18 -3.57 -1.21
C VAL A 231 12.83 -3.28 -1.86
N GLU A 232 11.75 -3.61 -1.14
CA GLU A 232 10.40 -3.33 -1.61
C GLU A 232 10.24 -1.79 -1.71
N THR A 233 9.52 -1.33 -2.74
CA THR A 233 9.20 0.09 -2.86
C THR A 233 8.41 0.51 -1.59
N ARG A 234 8.80 1.65 -1.03
CA ARG A 234 8.24 2.08 0.25
C ARG A 234 7.79 3.52 0.21
N PRO A 235 6.76 3.87 0.99
CA PRO A 235 6.26 5.26 0.97
C PRO A 235 7.20 6.20 1.73
N ALA A 236 7.40 7.41 1.19
CA ALA A 236 8.25 8.37 1.91
C ALA A 236 7.44 9.02 3.06
N GLY A 237 6.13 9.05 2.92
CA GLY A 237 5.21 9.64 3.90
C GLY A 237 4.64 10.96 3.45
N ASP A 238 5.14 11.50 2.32
CA ASP A 238 4.67 12.77 1.74
C ASP A 238 3.95 12.57 0.39
N GLY A 239 3.57 11.31 0.10
CA GLY A 239 2.88 10.99 -1.13
C GLY A 239 3.78 10.40 -2.20
N THR A 240 5.10 10.49 -2.00
CA THR A 240 6.05 9.92 -2.96
C THR A 240 6.61 8.62 -2.41
N PHE A 241 7.44 7.98 -3.23
CA PHE A 241 7.96 6.65 -2.91
C PHE A 241 9.45 6.62 -3.01
N GLN A 242 10.02 5.56 -2.43
CA GLN A 242 11.49 5.36 -2.42
C GLN A 242 11.82 3.90 -2.72
N LYS A 243 13.02 3.67 -3.27
CA LYS A 243 13.51 2.30 -3.45
C LYS A 243 15.00 2.37 -3.59
N TRP A 244 15.67 1.26 -3.26
CA TRP A 244 17.09 1.17 -3.53
C TRP A 244 17.45 -0.23 -3.94
N VAL A 245 18.57 -0.34 -4.66
CA VAL A 245 19.13 -1.62 -5.10
C VAL A 245 20.61 -1.56 -4.78
N ALA A 246 21.17 -2.65 -4.25
CA ALA A 246 22.59 -2.63 -3.89
C ALA A 246 23.31 -3.83 -4.45
N VAL A 247 24.61 -3.70 -4.65
CA VAL A 247 25.46 -4.80 -5.16
C VAL A 247 26.75 -4.79 -4.37
N VAL A 248 27.28 -5.99 -4.03
CA VAL A 248 28.58 -6.09 -3.35
C VAL A 248 29.62 -6.29 -4.46
N VAL A 249 30.69 -5.46 -4.43
CA VAL A 249 31.70 -5.49 -5.49
C VAL A 249 33.13 -5.54 -4.93
N PRO A 250 34.10 -6.11 -5.68
CA PRO A 250 35.50 -6.01 -5.24
C PRO A 250 35.93 -4.55 -5.27
N SER A 251 36.59 -4.08 -4.18
CA SER A 251 37.04 -2.68 -4.14
C SER A 251 38.00 -2.38 -5.28
N GLY A 252 37.80 -1.23 -5.93
CA GLY A 252 38.57 -0.83 -7.10
C GLY A 252 37.91 -1.21 -8.42
N GLN A 253 36.87 -2.06 -8.37
CA GLN A 253 36.18 -2.49 -9.59
C GLN A 253 34.81 -1.82 -9.79
N GLU A 254 34.54 -0.74 -9.05
CA GLU A 254 33.24 -0.05 -9.09
C GLU A 254 32.81 0.42 -10.45
N GLN A 255 33.75 0.83 -11.34
CA GLN A 255 33.39 1.37 -12.66
C GLN A 255 32.77 0.35 -13.62
N ARG A 256 32.91 -0.98 -13.35
CA ARG A 256 32.27 -2.01 -14.17
C ARG A 256 30.76 -2.04 -13.96
N TYR A 257 30.29 -1.51 -12.81
CA TYR A 257 28.91 -1.62 -12.40
C TYR A 257 28.07 -0.39 -12.71
N THR A 258 26.89 -0.61 -13.30
CA THR A 258 25.96 0.47 -13.62
C THR A 258 24.58 0.13 -13.09
N CYS A 259 23.89 1.18 -12.56
CA CYS A 259 22.54 1.01 -12.06
C CYS A 259 21.62 1.67 -13.11
N HIS A 260 20.54 0.99 -13.46
CA HIS A 260 19.63 1.44 -14.51
C HIS A 260 18.26 1.68 -13.91
N VAL A 261 17.70 2.87 -14.17
CA VAL A 261 16.44 3.28 -13.54
C VAL A 261 15.41 3.55 -14.61
N GLN A 262 14.29 2.85 -14.53
CA GLN A 262 13.15 3.01 -15.46
C GLN A 262 11.97 3.52 -14.67
N HIS A 263 11.33 4.58 -15.16
CA HIS A 263 10.16 5.18 -14.50
C HIS A 263 9.38 6.02 -15.51
N GLU A 264 8.04 6.11 -15.34
CA GLU A 264 7.16 6.89 -16.21
C GLU A 264 7.60 8.36 -16.37
N GLY A 265 8.21 8.93 -15.33
CA GLY A 265 8.64 10.33 -15.33
C GLY A 265 9.94 10.61 -16.05
N LEU A 266 10.63 9.55 -16.55
CA LEU A 266 11.90 9.68 -17.28
C LEU A 266 11.67 9.39 -18.76
N PRO A 267 11.91 10.36 -19.67
CA PRO A 267 11.76 10.10 -21.12
C PRO A 267 12.65 8.93 -21.59
N LYS A 268 13.88 8.86 -21.05
CA LYS A 268 14.85 7.81 -21.35
C LYS A 268 15.31 7.21 -20.00
N PRO A 269 15.53 5.88 -19.88
CA PRO A 269 16.02 5.35 -18.59
C PRO A 269 17.34 6.00 -18.16
N LEU A 270 17.56 6.12 -16.86
CA LEU A 270 18.82 6.69 -16.34
C LEU A 270 19.84 5.58 -16.10
N THR A 271 21.13 5.92 -16.20
CA THR A 271 22.25 5.02 -15.92
C THR A 271 23.12 5.76 -14.91
N LEU A 272 23.46 5.10 -13.81
CA LEU A 272 24.33 5.71 -12.81
C LEU A 272 25.56 4.84 -12.64
N ARG A 273 26.71 5.46 -12.34
CA ARG A 273 27.99 4.78 -12.05
C ARG A 273 28.60 5.50 -10.87
N TRP A 274 29.35 4.79 -10.02
CA TRP A 274 30.02 5.36 -8.86
CA TRP A 274 29.97 5.43 -8.87
C TRP A 274 31.10 6.36 -9.32
N GLU A 275 31.13 7.59 -8.76
CA GLU A 275 32.17 8.57 -9.11
C GLU A 275 33.32 8.31 -8.10
N PRO A 276 34.50 7.81 -8.54
CA PRO A 276 35.54 7.38 -7.57
C PRO A 276 36.03 8.39 -6.53
N SER A 277 35.89 9.71 -6.78
CA SER A 277 36.35 10.73 -5.83
C SER A 277 35.24 11.19 -4.87
N SER A 278 34.03 10.61 -5.01
CA SER A 278 32.83 10.90 -4.21
C SER A 278 33.00 10.57 -2.72
N ILE B 1 -5.11 -17.62 7.40
CA ILE B 1 -3.69 -17.62 7.03
C ILE B 1 -2.83 -16.73 7.97
N GLN B 2 -1.54 -17.09 8.19
CA GLN B 2 -0.60 -16.31 9.01
C GLN B 2 0.64 -15.97 8.18
N ARG B 3 0.94 -14.67 8.03
CA ARG B 3 2.08 -14.19 7.23
C ARG B 3 2.85 -13.20 8.12
N THR B 4 4.18 -13.39 8.22
CA THR B 4 5.06 -12.60 9.07
CA THR B 4 5.00 -12.57 9.11
C THR B 4 5.35 -11.22 8.46
N PRO B 5 5.36 -10.13 9.25
CA PRO B 5 5.66 -8.82 8.63
C PRO B 5 7.10 -8.66 8.14
N LYS B 6 7.23 -7.96 7.02
CA LYS B 6 8.51 -7.44 6.52
C LYS B 6 8.60 -6.07 7.20
N ILE B 7 9.81 -5.62 7.54
CA ILE B 7 10.01 -4.32 8.20
C ILE B 7 11.13 -3.56 7.54
N GLN B 8 10.86 -2.28 7.21
CA GLN B 8 11.90 -1.35 6.80
C GLN B 8 11.79 -0.15 7.69
N VAL B 9 12.94 0.31 8.23
CA VAL B 9 13.03 1.49 9.12
CA VAL B 9 12.95 1.52 9.06
C VAL B 9 13.92 2.48 8.37
N TYR B 10 13.44 3.70 8.13
CA TYR B 10 14.18 4.66 7.30
C TYR B 10 13.68 6.06 7.50
N SER B 11 14.42 7.02 6.94
CA SER B 11 14.00 8.41 7.05
C SER B 11 13.32 8.86 5.78
N ARG B 12 12.40 9.84 5.92
CA ARG B 12 11.72 10.41 4.76
C ARG B 12 12.74 11.09 3.80
N HIS B 13 13.72 11.81 4.37
CA HIS B 13 14.75 12.55 3.61
C HIS B 13 16.14 12.04 3.94
N PRO B 14 17.17 12.20 3.05
CA PRO B 14 18.52 11.75 3.42
C PRO B 14 18.93 12.44 4.71
N ALA B 15 19.45 11.67 5.62
CA ALA B 15 19.69 12.15 6.96
C ALA B 15 20.91 12.99 7.12
N GLU B 16 20.77 14.04 7.91
CA GLU B 16 21.90 14.92 8.26
C GLU B 16 21.80 15.15 9.74
N ASN B 17 22.90 14.96 10.49
CA ASN B 17 22.82 15.19 11.93
C ASN B 17 22.44 16.62 12.24
N GLY B 18 21.49 16.78 13.16
CA GLY B 18 21.03 18.11 13.58
C GLY B 18 19.93 18.72 12.75
N LYS B 19 19.51 18.04 11.65
CA LYS B 19 18.45 18.57 10.79
C LYS B 19 17.22 17.72 10.93
N SER B 20 16.09 18.38 11.28
CA SER B 20 14.77 17.80 11.47
CA SER B 20 14.83 17.68 11.51
C SER B 20 14.38 16.91 10.27
N ASN B 21 13.73 15.77 10.54
CA ASN B 21 13.36 14.83 9.51
C ASN B 21 12.16 14.02 10.01
N PHE B 22 11.88 12.88 9.36
CA PHE B 22 10.77 12.02 9.77
C PHE B 22 11.25 10.60 9.75
N LEU B 23 11.01 9.89 10.86
CA LEU B 23 11.40 8.51 11.02
C LEU B 23 10.20 7.64 10.66
N ASN B 24 10.40 6.70 9.74
CA ASN B 24 9.39 5.78 9.23
C ASN B 24 9.66 4.35 9.58
N CYS B 25 8.59 3.61 9.89
CA CYS B 25 8.67 2.16 10.01
C CYS B 25 7.54 1.62 9.15
N TYR B 26 7.92 1.00 8.02
CA TYR B 26 6.97 0.46 7.07
C TYR B 26 6.88 -1.05 7.34
N VAL B 27 5.68 -1.52 7.69
CA VAL B 27 5.44 -2.94 7.97
C VAL B 27 4.54 -3.46 6.89
N SER B 28 4.92 -4.55 6.24
CA SER B 28 4.13 -5.02 5.10
C SER B 28 4.14 -6.55 5.02
N GLY B 29 3.31 -7.10 4.15
CA GLY B 29 3.27 -8.54 3.92
C GLY B 29 2.71 -9.39 5.05
N PHE B 30 1.97 -8.79 6.02
CA PHE B 30 1.48 -9.53 7.17
C PHE B 30 -0.01 -9.83 7.14
N HIS B 31 -0.38 -10.88 7.89
CA HIS B 31 -1.77 -11.29 8.06
C HIS B 31 -1.81 -12.14 9.33
N PRO B 32 -2.75 -11.94 10.28
CA PRO B 32 -3.86 -10.98 10.29
C PRO B 32 -3.39 -9.53 10.52
N SER B 33 -4.32 -8.58 10.52
CA SER B 33 -4.00 -7.15 10.57
C SER B 33 -3.54 -6.60 11.92
N ASP B 34 -3.89 -7.27 13.05
CA ASP B 34 -3.48 -6.76 14.35
C ASP B 34 -1.95 -6.83 14.45
N ILE B 35 -1.35 -5.69 14.78
CA ILE B 35 0.10 -5.60 14.87
C ILE B 35 0.43 -4.49 15.87
N GLU B 36 1.55 -4.66 16.59
CA GLU B 36 2.04 -3.66 17.52
C GLU B 36 3.33 -3.09 16.94
N VAL B 37 3.34 -1.78 16.69
CA VAL B 37 4.53 -1.13 16.15
C VAL B 37 4.85 0.08 17.03
N ASP B 38 6.10 0.13 17.50
CA ASP B 38 6.61 1.26 18.26
C ASP B 38 7.88 1.76 17.61
N LEU B 39 8.08 3.07 17.64
CA LEU B 39 9.35 3.66 17.20
C LEU B 39 10.06 3.97 18.52
N LEU B 40 11.34 3.64 18.59
CA LEU B 40 12.13 3.81 19.82
C LEU B 40 13.25 4.78 19.63
N LYS B 41 13.57 5.50 20.71
CA LYS B 41 14.70 6.41 20.75
C LYS B 41 15.48 5.98 21.98
N ASN B 42 16.70 5.47 21.78
CA ASN B 42 17.58 4.96 22.84
C ASN B 42 16.87 3.86 23.66
N GLY B 43 16.17 2.97 22.96
CA GLY B 43 15.43 1.85 23.53
C GLY B 43 14.10 2.19 24.18
N GLU B 44 13.69 3.46 24.20
CA GLU B 44 12.43 3.88 24.82
C GLU B 44 11.38 4.30 23.79
N ARG B 45 10.13 3.87 24.04
CA ARG B 45 8.99 4.17 23.19
C ARG B 45 8.75 5.68 22.97
N ILE B 46 8.67 6.09 21.69
CA ILE B 46 8.37 7.47 21.33
C ILE B 46 6.85 7.62 21.39
N GLU B 47 6.37 8.67 22.08
CA GLU B 47 4.94 8.89 22.32
C GLU B 47 4.14 9.38 21.13
N LYS B 48 4.56 10.46 20.46
CA LYS B 48 3.71 10.96 19.39
C LYS B 48 4.04 10.28 18.06
N VAL B 49 3.47 9.08 17.84
CA VAL B 49 3.69 8.32 16.61
C VAL B 49 2.32 8.19 15.93
N GLU B 50 2.30 8.49 14.63
CA GLU B 50 1.11 8.40 13.82
C GLU B 50 1.24 7.24 12.84
N HIS B 51 0.13 6.80 12.28
CA HIS B 51 0.18 5.71 11.30
C HIS B 51 -0.85 5.90 10.21
N SER B 52 -0.57 5.30 9.03
CA SER B 52 -1.42 5.33 7.87
C SER B 52 -2.69 4.48 8.08
N ASP B 53 -3.65 4.66 7.14
CA ASP B 53 -4.86 3.87 7.18
C ASP B 53 -4.55 2.50 6.57
N LEU B 54 -4.91 1.46 7.29
CA LEU B 54 -4.72 0.06 6.87
C LEU B 54 -5.16 -0.20 5.44
N SER B 55 -4.24 -0.75 4.66
CA SER B 55 -4.55 -1.11 3.30
C SER B 55 -3.80 -2.43 3.01
N PHE B 56 -3.95 -2.94 1.78
CA PHE B 56 -3.38 -4.25 1.49
C PHE B 56 -2.97 -4.39 0.03
N SER B 57 -2.14 -5.40 -0.22
CA SER B 57 -1.55 -5.69 -1.51
CA SER B 57 -1.58 -5.67 -1.54
C SER B 57 -2.40 -6.71 -2.31
N LYS B 58 -1.98 -7.01 -3.57
CA LYS B 58 -2.69 -7.99 -4.43
C LYS B 58 -2.91 -9.35 -3.76
N ASP B 59 -1.94 -9.81 -2.95
CA ASP B 59 -2.02 -11.11 -2.27
C ASP B 59 -2.82 -11.05 -0.95
N TRP B 60 -3.45 -9.89 -0.67
CA TRP B 60 -4.28 -9.60 0.50
C TRP B 60 -3.45 -9.29 1.74
N SER B 61 -2.10 -9.32 1.65
CA SER B 61 -1.34 -9.03 2.86
CA SER B 61 -1.28 -9.01 2.84
C SER B 61 -1.39 -7.53 3.18
N PHE B 62 -1.37 -7.20 4.47
CA PHE B 62 -1.51 -5.82 4.91
C PHE B 62 -0.25 -5.01 4.89
N TYR B 63 -0.43 -3.66 4.89
CA TYR B 63 0.72 -2.79 5.08
C TYR B 63 0.31 -1.54 5.83
N LEU B 64 1.26 -1.03 6.64
CA LEU B 64 1.05 0.18 7.42
C LEU B 64 2.37 0.95 7.48
N LEU B 65 2.27 2.30 7.55
CA LEU B 65 3.43 3.13 7.75
C LEU B 65 3.22 3.83 9.10
N TYR B 66 4.20 3.69 10.00
CA TYR B 66 4.22 4.38 11.29
C TYR B 66 5.29 5.45 11.18
N TYR B 67 5.01 6.64 11.70
CA TYR B 67 5.98 7.74 11.50
C TYR B 67 5.93 8.78 12.56
N THR B 68 7.07 9.50 12.72
CA THR B 68 7.16 10.58 13.69
C THR B 68 8.27 11.54 13.27
N GLU B 69 8.22 12.78 13.77
CA GLU B 69 9.32 13.70 13.47
C GLU B 69 10.47 13.30 14.36
N PHE B 70 11.70 13.44 13.85
CA PHE B 70 12.91 13.19 14.65
C PHE B 70 14.05 14.01 14.14
N THR B 71 15.07 14.20 14.99
CA THR B 71 16.28 14.88 14.55
C THR B 71 17.45 13.91 14.73
N PRO B 72 17.99 13.35 13.63
CA PRO B 72 19.13 12.42 13.77
C PRO B 72 20.30 13.13 14.44
N THR B 73 21.03 12.38 15.29
CA THR B 73 22.25 12.90 15.90
C THR B 73 23.31 11.82 15.86
N GLU B 74 24.56 12.19 16.21
CA GLU B 74 25.64 11.22 16.29
C GLU B 74 25.46 10.26 17.46
N LYS B 75 24.76 10.68 18.53
CA LYS B 75 24.63 9.84 19.72
CA LYS B 75 24.61 9.87 19.75
C LYS B 75 23.32 9.05 19.85
N ASP B 76 22.24 9.52 19.25
CA ASP B 76 20.98 8.80 19.47
C ASP B 76 20.79 7.62 18.55
N GLU B 77 20.23 6.55 19.12
CA GLU B 77 19.91 5.31 18.41
C GLU B 77 18.41 5.23 18.21
N TYR B 78 17.98 5.02 16.95
CA TYR B 78 16.55 4.93 16.65
C TYR B 78 16.26 3.52 16.16
N ALA B 79 15.02 3.05 16.38
CA ALA B 79 14.64 1.70 15.98
C ALA B 79 13.13 1.59 15.86
N CYS B 80 12.69 0.50 15.25
CA CYS B 80 11.30 0.13 15.15
C CYS B 80 11.17 -1.23 15.86
N ARG B 81 10.16 -1.38 16.72
CA ARG B 81 9.90 -2.63 17.46
C ARG B 81 8.52 -3.14 17.04
N VAL B 82 8.48 -4.35 16.51
CA VAL B 82 7.24 -4.92 15.97
C VAL B 82 6.88 -6.21 16.67
N ASN B 83 5.61 -6.36 17.04
CA ASN B 83 5.13 -7.62 17.56
C ASN B 83 3.89 -8.01 16.76
N HIS B 84 3.76 -9.30 16.50
CA HIS B 84 2.66 -9.82 15.68
C HIS B 84 2.45 -11.27 16.13
N VAL B 85 1.29 -11.86 15.83
CA VAL B 85 1.01 -13.24 16.26
C VAL B 85 2.08 -14.25 15.73
N THR B 86 2.67 -13.96 14.54
CA THR B 86 3.69 -14.78 13.90
C THR B 86 5.11 -14.69 14.53
N LEU B 87 5.33 -13.75 15.43
CA LEU B 87 6.64 -13.56 16.06
C LEU B 87 6.66 -14.11 17.48
N SER B 88 7.67 -14.90 17.82
CA SER B 88 7.80 -15.47 19.18
C SER B 88 8.06 -14.36 20.21
N GLN B 89 8.88 -13.37 19.81
CA GLN B 89 9.31 -12.25 20.62
C GLN B 89 9.22 -10.98 19.74
N PRO B 90 9.04 -9.76 20.28
CA PRO B 90 9.07 -8.58 19.39
C PRO B 90 10.40 -8.48 18.66
N LYS B 91 10.33 -8.02 17.40
CA LYS B 91 11.50 -7.86 16.56
C LYS B 91 11.89 -6.37 16.58
N ILE B 92 13.18 -6.07 16.86
CA ILE B 92 13.70 -4.69 16.86
C ILE B 92 14.61 -4.52 15.66
N VAL B 93 14.27 -3.55 14.77
CA VAL B 93 15.12 -3.26 13.61
C VAL B 93 15.69 -1.85 13.84
N LYS B 94 17.03 -1.76 13.94
CA LYS B 94 17.67 -0.47 14.19
C LYS B 94 17.65 0.39 12.90
N TRP B 95 17.48 1.71 13.07
CA TRP B 95 17.56 2.63 11.94
C TRP B 95 19.04 2.79 11.57
N ASP B 96 19.35 2.67 10.27
CA ASP B 96 20.67 2.87 9.68
C ASP B 96 20.43 3.84 8.54
N ARG B 97 21.00 5.06 8.60
CA ARG B 97 20.78 6.11 7.59
C ARG B 97 21.22 5.70 6.17
N ASP B 98 22.00 4.63 6.05
CA ASP B 98 22.44 4.17 4.75
C ASP B 98 21.47 3.22 4.08
N MET B 99 20.33 2.91 4.76
CA MET B 99 19.35 1.96 4.21
C MET B 99 17.91 2.52 4.27
N ALA C 1 -15.99 7.90 -6.70
CA ALA C 1 -17.21 7.66 -5.93
C ALA C 1 -17.43 6.14 -5.77
N LEU C 2 -17.93 5.75 -4.60
CA LEU C 2 -18.23 4.35 -4.28
C LEU C 2 -19.37 3.79 -5.09
N ASN C 3 -19.39 2.44 -5.18
CA ASN C 3 -20.53 1.74 -5.77
C ASN C 3 -21.58 1.52 -4.67
N THR C 4 -22.77 1.03 -5.05
CA THR C 4 -23.83 0.56 -4.14
C THR C 4 -24.04 -0.94 -4.57
N PRO C 5 -23.10 -1.84 -4.23
CA PRO C 5 -23.24 -3.23 -4.68
C PRO C 5 -24.17 -4.07 -3.80
N LYS C 6 -24.62 -5.22 -4.33
CA LYS C 6 -25.49 -6.15 -3.60
C LYS C 6 -24.72 -7.46 -3.39
N ASP C 7 -23.42 -7.31 -3.13
CA ASP C 7 -22.49 -8.41 -2.91
C ASP C 7 -22.52 -8.92 -1.44
N HIS C 8 -23.73 -9.41 -1.04
CA HIS C 8 -24.04 -10.02 0.26
C HIS C 8 -23.70 -11.53 0.17
N ILE C 9 -22.68 -11.99 0.92
CA ILE C 9 -22.09 -13.34 0.76
C ILE C 9 -23.06 -14.59 1.04
CD CD D . 32.12 5.05 1.06
CD CD E . 37.16 -11.16 0.63
C ACT F . -5.84 13.01 -21.63
O ACT F . -6.92 12.55 -22.08
OXT ACT F . -4.74 12.43 -21.70
CH3 ACT F . -5.83 14.41 -20.96
#